data_4DLH
#
_entry.id   4DLH
#
_cell.length_a   44.473
_cell.length_b   74.933
_cell.length_c   112.987
_cell.angle_alpha   90.000
_cell.angle_beta   90.000
_cell.angle_gamma   90.000
#
_symmetry.space_group_name_H-M   'P 21 21 21'
#
loop_
_entity.id
_entity.type
_entity.pdbx_description
1 polymer 'uncharacterized protein'
2 water water
#
_entity_poly.entity_id   1
_entity_poly.type   'polypeptide(L)'
_entity_poly.pdbx_seq_one_letter_code
;MSPIPLPVTDTDDAWRARIAAHRADKDEFLATHDQSPIPPADRGAFDGLRYFDIDASFRVAARYQPARDPEAVELETTRG
PPAEYTRAAVLGFDLGDSHHTLTAFRVEGESSLFVPFTDETTDDGRTYEHGRYLDVDPAGADGGDEVALDFNLAYNPFCA
YGGSFSCALPPADNHVPAAITAGERVDADLEHHHHHH
;
_entity_poly.pdbx_strand_id   A,B
#
# COMPACT_ATOMS: atom_id res chain seq x y z
N ASP A 10 29.83 17.65 16.74
CA ASP A 10 29.26 17.47 18.07
C ASP A 10 28.25 18.56 18.43
N THR A 11 28.28 19.66 17.67
CA THR A 11 27.39 20.79 17.95
C THR A 11 26.05 20.66 17.23
N ASP A 12 25.07 21.42 17.71
CA ASP A 12 23.76 21.44 17.10
C ASP A 12 23.83 21.99 15.68
N ASP A 13 24.65 23.03 15.50
CA ASP A 13 24.79 23.65 14.19
C ASP A 13 25.44 22.71 13.16
N ALA A 14 26.39 21.89 13.61
CA ALA A 14 27.01 20.92 12.72
C ALA A 14 26.04 19.79 12.36
N TRP A 15 25.32 19.29 13.36
CA TRP A 15 24.29 18.28 13.15
C TRP A 15 23.28 18.76 12.11
N ARG A 16 22.75 19.97 12.30
CA ARG A 16 21.78 20.53 11.36
C ARG A 16 22.33 20.69 9.95
N ALA A 17 23.60 21.08 9.86
CA ALA A 17 24.24 21.27 8.56
C ALA A 17 24.45 19.94 7.83
N ARG A 18 24.74 18.90 8.59
CA ARG A 18 24.90 17.55 8.07
C ARG A 18 23.57 17.06 7.47
N ILE A 19 22.48 17.28 8.20
CA ILE A 19 21.18 16.90 7.69
C ILE A 19 20.83 17.67 6.42
N ALA A 20 21.05 18.98 6.43
CA ALA A 20 20.72 19.79 5.27
C ALA A 20 21.54 19.38 4.05
N ALA A 21 22.81 19.06 4.26
CA ALA A 21 23.67 18.66 3.15
C ALA A 21 23.21 17.34 2.54
N HIS A 22 22.83 16.39 3.39
CA HIS A 22 22.32 15.11 2.91
C HIS A 22 21.06 15.29 2.06
N ARG A 23 20.12 16.09 2.56
CA ARG A 23 18.86 16.32 1.88
C ARG A 23 19.08 16.98 0.53
N ALA A 24 19.99 17.96 0.48
CA ALA A 24 20.32 18.66 -0.77
C ALA A 24 20.95 17.71 -1.80
N ASP A 25 21.92 16.91 -1.34
CA ASP A 25 22.60 15.95 -2.20
C ASP A 25 21.67 14.87 -2.74
N LYS A 26 20.75 14.39 -1.89
CA LYS A 26 19.76 13.43 -2.33
C LYS A 26 18.80 14.01 -3.37
N ASP A 27 18.35 15.26 -3.16
CA ASP A 27 17.49 15.93 -4.14
C ASP A 27 18.15 16.00 -5.52
N GLU A 28 19.44 16.31 -5.54
CA GLU A 28 20.18 16.48 -6.80
C GLU A 28 20.32 15.15 -7.56
N PHE A 29 20.62 14.09 -6.83
CA PHE A 29 20.65 12.73 -7.37
C PHE A 29 19.30 12.31 -7.93
N LEU A 30 18.24 12.50 -7.14
CA LEU A 30 16.89 12.14 -7.56
C LEU A 30 16.46 12.91 -8.80
N ALA A 31 16.91 14.16 -8.88
CA ALA A 31 16.46 15.06 -9.93
C ALA A 31 17.14 14.77 -11.27
N THR A 32 18.38 14.30 -11.22
CA THR A 32 19.24 14.36 -12.41
C THR A 32 19.88 13.03 -12.81
N HIS A 33 19.95 12.07 -11.89
CA HIS A 33 20.69 10.86 -12.19
C HIS A 33 19.85 9.82 -12.92
N ASP A 34 20.47 9.11 -13.87
CA ASP A 34 19.78 8.07 -14.61
C ASP A 34 19.32 6.90 -13.75
N GLN A 35 19.92 6.75 -12.58
CA GLN A 35 19.53 5.70 -11.65
C GLN A 35 18.57 6.18 -10.55
N SER A 36 18.04 7.39 -10.68
CA SER A 36 17.04 7.90 -9.73
C SER A 36 15.76 7.05 -9.72
N PRO A 37 15.20 6.80 -8.53
CA PRO A 37 13.93 6.06 -8.41
C PRO A 37 12.69 6.89 -8.75
N ILE A 38 12.87 8.18 -9.02
CA ILE A 38 11.78 8.99 -9.53
C ILE A 38 11.53 8.52 -10.95
N PRO A 39 10.28 8.11 -11.27
CA PRO A 39 10.00 7.66 -12.63
C PRO A 39 10.16 8.77 -13.67
N PRO A 40 10.59 8.42 -14.88
CA PRO A 40 10.82 9.40 -15.96
C PRO A 40 9.68 10.38 -16.16
N ALA A 41 8.45 9.89 -16.12
CA ALA A 41 7.28 10.77 -16.23
C ALA A 41 7.23 11.91 -15.21
N ASP A 42 7.82 11.69 -14.03
CA ASP A 42 7.78 12.67 -12.94
C ASP A 42 9.07 13.48 -12.76
N ARG A 43 10.13 13.08 -13.46
CA ARG A 43 11.44 13.71 -13.29
C ARG A 43 11.47 15.15 -13.76
N GLY A 44 10.66 15.48 -14.76
CA GLY A 44 10.60 16.84 -15.27
C GLY A 44 10.05 17.81 -14.25
N ALA A 45 8.96 17.42 -13.60
CA ALA A 45 8.28 18.29 -12.64
C ALA A 45 8.82 18.18 -11.21
N PHE A 46 9.75 17.25 -10.99
CA PHE A 46 10.33 17.02 -9.66
C PHE A 46 11.01 18.29 -9.13
N ASP A 47 10.61 18.72 -7.95
CA ASP A 47 11.12 19.94 -7.35
C ASP A 47 11.68 19.68 -5.94
N GLY A 48 12.12 18.45 -5.70
CA GLY A 48 12.72 18.09 -4.42
C GLY A 48 11.78 17.30 -3.54
N LEU A 49 12.35 16.56 -2.58
CA LEU A 49 11.53 15.81 -1.63
C LEU A 49 10.91 16.75 -0.60
N ARG A 50 9.83 16.33 0.03
CA ARG A 50 9.21 17.16 1.06
C ARG A 50 9.61 16.60 2.41
N TYR A 51 10.00 17.49 3.34
CA TYR A 51 10.45 17.09 4.67
C TYR A 51 9.71 17.86 5.76
N PHE A 52 9.61 17.27 6.95
CA PHE A 52 9.35 18.04 8.18
C PHE A 52 10.63 18.84 8.45
N ASP A 53 10.47 20.03 9.01
CA ASP A 53 11.63 20.77 9.48
C ASP A 53 12.42 19.97 10.52
N ILE A 54 13.70 20.26 10.64
CA ILE A 54 14.54 19.55 11.61
C ILE A 54 14.03 19.83 13.02
N ASP A 55 13.92 18.78 13.83
CA ASP A 55 13.37 18.90 15.17
C ASP A 55 14.16 17.98 16.10
N ALA A 56 14.92 18.58 17.02
CA ALA A 56 15.82 17.85 17.91
C ALA A 56 15.09 16.96 18.93
N SER A 57 13.80 17.18 19.13
CA SER A 57 13.04 16.29 20.00
C SER A 57 12.88 14.87 19.41
N PHE A 58 13.22 14.69 18.14
CA PHE A 58 13.15 13.37 17.50
C PHE A 58 14.52 12.77 17.23
N ARG A 59 15.56 13.42 17.76
CA ARG A 59 16.89 12.85 17.78
C ARG A 59 17.04 12.30 19.18
N VAL A 60 16.91 11.00 19.34
CA VAL A 60 16.88 10.42 20.68
C VAL A 60 17.96 9.38 20.89
N ALA A 61 18.27 9.12 22.17
CA ALA A 61 19.16 8.03 22.54
C ALA A 61 18.32 6.78 22.73
N ALA A 62 18.72 5.70 22.08
CA ALA A 62 18.01 4.44 22.22
C ALA A 62 18.88 3.41 22.93
N ARG A 63 18.28 2.65 23.83
CA ARG A 63 18.97 1.52 24.44
C ARG A 63 19.09 0.44 23.37
N TYR A 64 20.30 -0.08 23.19
CA TYR A 64 20.56 -1.08 22.18
C TYR A 64 20.58 -2.47 22.84
N GLN A 65 19.68 -3.33 22.42
CA GLN A 65 19.45 -4.62 23.04
C GLN A 65 19.58 -5.68 21.95
N PRO A 66 20.80 -6.23 21.76
CA PRO A 66 21.03 -7.16 20.65
C PRO A 66 20.26 -8.47 20.83
N ALA A 67 19.76 -9.02 19.74
CA ALA A 67 19.08 -10.32 19.76
C ALA A 67 20.02 -11.37 20.30
N ARG A 68 19.57 -12.16 21.29
CA ARG A 68 20.42 -13.12 21.97
C ARG A 68 20.81 -14.24 21.02
N ASP A 69 19.92 -14.54 20.08
CA ASP A 69 20.13 -15.60 19.10
C ASP A 69 19.57 -15.01 17.81
N PRO A 70 20.43 -14.36 17.02
CA PRO A 70 19.98 -13.75 15.75
C PRO A 70 19.24 -14.75 14.86
N GLU A 71 18.00 -14.41 14.52
CA GLU A 71 17.07 -15.35 13.91
C GLU A 71 16.75 -14.89 12.49
N ALA A 72 16.71 -15.84 11.55
CA ALA A 72 16.34 -15.50 10.17
C ALA A 72 14.85 -15.16 10.13
N VAL A 73 14.52 -14.00 9.57
CA VAL A 73 13.13 -13.60 9.49
C VAL A 73 12.82 -13.12 8.07
N GLU A 74 11.55 -13.13 7.70
CA GLU A 74 11.17 -12.57 6.41
C GLU A 74 10.17 -11.44 6.60
N LEU A 75 10.34 -10.39 5.81
CA LEU A 75 9.37 -9.32 5.77
C LEU A 75 8.66 -9.40 4.44
N GLU A 76 7.35 -9.14 4.44
CA GLU A 76 6.61 -9.08 3.18
C GLU A 76 7.10 -7.93 2.32
N THR A 77 6.98 -8.07 1.00
CA THR A 77 7.31 -6.96 0.10
C THR A 77 6.11 -6.60 -0.77
N THR A 78 6.19 -5.43 -1.41
CA THR A 78 5.09 -4.90 -2.21
C THR A 78 4.97 -5.63 -3.54
N ARG A 79 6.05 -6.28 -3.96
CA ARG A 79 6.04 -6.99 -5.22
C ARG A 79 6.95 -8.21 -5.09
N GLY A 80 6.40 -9.39 -5.32
CA GLY A 80 7.22 -10.59 -5.28
C GLY A 80 7.42 -11.18 -3.89
N PRO A 81 8.45 -12.03 -3.77
CA PRO A 81 8.73 -12.87 -2.60
C PRO A 81 9.15 -12.05 -1.40
N PRO A 82 8.93 -12.58 -0.18
CA PRO A 82 9.38 -11.95 1.06
C PRO A 82 10.88 -11.67 1.04
N ALA A 83 11.27 -10.60 1.72
CA ALA A 83 12.68 -10.24 1.83
C ALA A 83 13.28 -10.96 3.04
N GLU A 84 14.50 -11.43 2.91
CA GLU A 84 15.15 -12.19 3.98
C GLU A 84 16.08 -11.27 4.78
N TYR A 85 15.90 -11.29 6.09
CA TYR A 85 16.78 -10.51 6.97
C TYR A 85 17.08 -11.35 8.18
N THR A 86 17.89 -10.78 9.07
CA THR A 86 18.12 -11.38 10.38
C THR A 86 17.64 -10.39 11.44
N ARG A 87 16.86 -10.86 12.40
CA ARG A 87 16.46 -10.02 13.53
C ARG A 87 17.71 -9.71 14.33
N ALA A 88 18.04 -8.42 14.43
CA ALA A 88 19.34 -8.03 14.95
C ALA A 88 19.30 -7.47 16.38
N ALA A 89 18.26 -6.70 16.69
CA ALA A 89 18.21 -6.01 17.97
C ALA A 89 16.86 -5.38 18.23
N VAL A 90 16.63 -5.02 19.48
CA VAL A 90 15.52 -4.16 19.84
C VAL A 90 16.15 -2.83 20.24
N LEU A 91 15.53 -1.74 19.80
CA LEU A 91 15.95 -0.40 20.18
C LEU A 91 14.84 0.18 21.05
N GLY A 92 15.17 0.59 22.27
CA GLY A 92 14.18 1.14 23.18
C GLY A 92 14.43 2.63 23.39
N PHE A 93 13.39 3.44 23.28
CA PHE A 93 13.55 4.89 23.35
C PHE A 93 12.31 5.61 23.86
N ASP A 94 12.52 6.81 24.38
CA ASP A 94 11.41 7.63 24.86
C ASP A 94 11.06 8.70 23.83
N LEU A 95 9.77 8.89 23.62
CA LEU A 95 9.27 10.06 22.90
C LEU A 95 8.26 10.71 23.81
N GLY A 96 8.59 11.90 24.33
CA GLY A 96 7.77 12.55 25.32
C GLY A 96 7.86 11.77 26.60
N ASP A 97 6.71 11.40 27.17
CA ASP A 97 6.68 10.65 28.42
C ASP A 97 6.26 9.21 28.16
N SER A 98 6.50 8.72 26.95
CA SER A 98 6.11 7.36 26.61
C SER A 98 7.34 6.59 26.13
N HIS A 99 7.41 5.29 26.45
CA HIS A 99 8.51 4.46 26.01
C HIS A 99 8.06 3.57 24.84
N HIS A 100 8.96 3.38 23.87
CA HIS A 100 8.63 2.65 22.65
C HIS A 100 9.76 1.70 22.30
N THR A 101 9.46 0.69 21.51
CA THR A 101 10.51 -0.20 21.03
C THR A 101 10.36 -0.42 19.53
N LEU A 102 11.49 -0.60 18.85
CA LEU A 102 11.47 -1.00 17.43
C LEU A 102 12.46 -2.13 17.22
N THR A 103 12.09 -3.06 16.35
CA THR A 103 13.00 -4.13 15.96
C THR A 103 13.88 -3.64 14.82
N ALA A 104 15.18 -3.89 14.94
CA ALA A 104 16.16 -3.56 13.91
C ALA A 104 16.61 -4.84 13.21
N PHE A 105 16.82 -4.76 11.90
CA PHE A 105 17.17 -5.94 11.11
C PHE A 105 18.55 -5.80 10.47
N ARG A 106 19.25 -6.92 10.40
CA ARG A 106 20.53 -6.99 9.70
C ARG A 106 20.29 -7.45 8.26
N VAL A 107 20.83 -6.68 7.32
CA VAL A 107 20.70 -6.97 5.91
C VAL A 107 22.05 -7.44 5.41
N GLU A 108 22.07 -8.53 4.64
CA GLU A 108 23.32 -9.12 4.21
C GLU A 108 24.14 -8.08 3.43
N GLY A 109 25.41 -7.95 3.80
CA GLY A 109 26.31 -7.02 3.14
C GLY A 109 26.17 -5.55 3.50
N GLU A 110 25.28 -5.23 4.44
CA GLU A 110 25.12 -3.84 4.89
C GLU A 110 25.55 -3.71 6.36
N SER A 111 26.32 -2.66 6.69
CA SER A 111 26.79 -2.52 8.08
C SER A 111 25.78 -1.87 9.01
N SER A 112 24.96 -0.96 8.49
CA SER A 112 23.94 -0.33 9.30
C SER A 112 22.73 -1.24 9.42
N LEU A 113 22.04 -1.16 10.54
CA LEU A 113 20.81 -1.91 10.71
C LEU A 113 19.64 -1.19 10.01
N PHE A 114 18.69 -1.98 9.54
CA PHE A 114 17.50 -1.52 8.83
C PHE A 114 16.31 -1.47 9.80
N VAL A 115 15.72 -0.29 9.96
CA VAL A 115 14.60 -0.14 10.90
C VAL A 115 13.36 0.42 10.19
N PRO A 116 12.51 -0.45 9.64
CA PRO A 116 11.28 0.00 9.00
C PRO A 116 10.20 0.26 10.07
N PHE A 117 9.40 1.30 9.90
CA PHE A 117 8.43 1.61 10.97
C PHE A 117 7.21 2.34 10.43
N THR A 118 6.15 2.37 11.22
CA THR A 118 5.03 3.27 10.94
C THR A 118 4.81 4.07 12.20
N ASP A 119 4.04 5.15 12.09
CA ASP A 119 3.69 5.95 13.25
C ASP A 119 2.38 6.69 13.00
N GLU A 120 2.02 7.61 13.89
CA GLU A 120 0.73 8.27 13.76
C GLU A 120 0.61 9.14 12.49
N THR A 121 1.73 9.63 11.97
CA THR A 121 1.70 10.37 10.71
C THR A 121 1.36 9.42 9.54
N THR A 122 1.64 8.14 9.68
CA THR A 122 1.22 7.16 8.68
C THR A 122 -0.30 7.10 8.63
N ASP A 123 -0.92 7.08 9.80
CA ASP A 123 -2.36 6.97 9.93
C ASP A 123 -3.09 8.22 9.43
N ASP A 124 -2.54 9.40 9.71
CA ASP A 124 -3.21 10.64 9.30
C ASP A 124 -2.80 11.14 7.91
N GLY A 125 -1.96 10.37 7.23
CA GLY A 125 -1.64 10.60 5.84
C GLY A 125 -0.54 11.62 5.55
N ARG A 126 0.13 12.10 6.57
CA ARG A 126 1.22 13.06 6.38
C ARG A 126 2.50 12.38 5.88
N THR A 127 2.65 11.09 6.17
CA THR A 127 3.80 10.33 5.67
C THR A 127 3.32 9.12 4.90
N TYR A 128 4.25 8.43 4.25
CA TYR A 128 3.93 7.35 3.31
C TYR A 128 3.10 6.23 3.93
N GLU A 129 2.08 5.79 3.20
CA GLU A 129 1.07 4.91 3.79
C GLU A 129 1.61 3.54 4.21
N HIS A 130 2.69 3.08 3.57
CA HIS A 130 3.27 1.80 3.95
C HIS A 130 4.36 1.92 5.01
N GLY A 131 4.73 3.15 5.36
CA GLY A 131 5.70 3.36 6.40
C GLY A 131 6.97 4.02 5.89
N ARG A 132 7.91 4.23 6.80
CA ARG A 132 9.20 4.80 6.41
C ARG A 132 10.35 3.95 6.91
N TYR A 133 11.56 4.31 6.49
CA TYR A 133 12.77 3.57 6.84
C TYR A 133 13.75 4.44 7.63
N LEU A 134 14.53 3.81 8.51
CA LEU A 134 15.61 4.49 9.22
C LEU A 134 16.82 3.55 9.22
N ASP A 135 18.01 4.09 8.98
CA ASP A 135 19.23 3.30 9.10
C ASP A 135 19.90 3.65 10.43
N VAL A 136 20.30 2.63 11.18
CA VAL A 136 20.86 2.84 12.51
C VAL A 136 22.21 2.11 12.59
N ASP A 137 23.26 2.86 12.93
CA ASP A 137 24.60 2.30 13.02
C ASP A 137 24.81 1.65 14.37
N PRO A 138 25.03 0.32 14.36
CA PRO A 138 25.13 -0.55 15.55
C PRO A 138 26.23 -0.13 16.52
N ALA A 139 25.98 -0.33 17.81
CA ALA A 139 26.97 -0.02 18.85
C ALA A 139 28.14 -1.01 18.82
N GLY A 140 29.12 -0.78 19.68
CA GLY A 140 30.28 -1.66 19.78
C GLY A 140 29.87 -3.12 19.98
N ALA A 141 30.68 -4.03 19.46
CA ALA A 141 30.33 -5.45 19.41
C ALA A 141 30.62 -6.25 20.68
N ASP A 142 31.03 -5.58 21.75
CA ASP A 142 31.35 -6.26 23.01
C ASP A 142 31.46 -5.33 24.23
N GLY A 143 30.33 -4.90 24.77
CA GLY A 143 29.01 -5.14 24.22
C GLY A 143 28.20 -3.87 24.33
N GLY A 144 27.99 -3.20 23.20
CA GLY A 144 27.30 -1.92 23.16
C GLY A 144 25.90 -1.92 23.75
N ASP A 145 25.38 -0.73 24.04
CA ASP A 145 24.07 -0.61 24.68
C ASP A 145 23.33 0.70 24.38
N GLU A 146 23.96 1.67 23.72
CA GLU A 146 23.29 2.95 23.47
C GLU A 146 23.62 3.60 22.13
N VAL A 147 22.61 3.70 21.26
CA VAL A 147 22.83 4.19 19.90
C VAL A 147 21.97 5.41 19.56
N ALA A 148 22.40 6.12 18.52
CA ALA A 148 21.72 7.35 18.11
C ALA A 148 20.58 7.03 17.17
N LEU A 149 19.37 7.37 17.59
CA LEU A 149 18.16 7.17 16.79
C LEU A 149 17.65 8.54 16.34
N ASP A 150 17.96 8.94 15.11
CA ASP A 150 17.53 10.27 14.63
C ASP A 150 16.44 10.17 13.59
N PHE A 151 15.19 10.43 13.99
CA PHE A 151 14.08 10.33 13.06
C PHE A 151 14.09 11.45 11.98
N ASN A 152 14.94 12.45 12.16
CA ASN A 152 15.10 13.48 11.14
C ASN A 152 15.73 12.88 9.87
N LEU A 153 16.28 11.68 10.03
CA LEU A 153 16.82 10.93 8.91
C LEU A 153 15.88 9.85 8.37
N ALA A 154 14.63 9.80 8.82
CA ALA A 154 13.68 8.82 8.27
C ALA A 154 13.41 9.14 6.79
N TYR A 155 13.34 8.11 5.94
CA TYR A 155 13.22 8.31 4.50
C TYR A 155 12.19 7.35 3.90
N ASN A 156 11.76 7.61 2.67
CA ASN A 156 10.72 6.80 2.05
C ASN A 156 11.28 5.61 1.29
N PRO A 157 10.53 4.50 1.28
CA PRO A 157 10.85 3.38 0.38
C PRO A 157 10.73 3.87 -1.04
N PHE A 158 11.43 3.24 -1.99
CA PHE A 158 11.37 3.68 -3.39
C PHE A 158 9.95 3.70 -3.96
N CYS A 159 9.11 2.78 -3.50
CA CYS A 159 7.78 2.66 -4.08
CA CYS A 159 7.73 2.61 -3.97
C CYS A 159 6.88 3.86 -3.77
N ALA A 160 7.31 4.69 -2.83
CA ALA A 160 6.61 5.93 -2.53
C ALA A 160 6.64 6.89 -3.71
N TYR A 161 7.61 6.72 -4.60
CA TYR A 161 7.78 7.66 -5.70
C TYR A 161 7.03 7.20 -6.95
N GLY A 162 6.40 6.03 -6.87
CA GLY A 162 5.53 5.56 -7.93
C GLY A 162 6.16 4.62 -8.94
N GLY A 163 7.43 4.28 -8.75
CA GLY A 163 8.09 3.33 -9.61
C GLY A 163 7.68 1.91 -9.28
N SER A 164 8.04 0.98 -10.15
CA SER A 164 7.72 -0.44 -9.95
C SER A 164 8.82 -1.13 -9.16
N PHE A 165 8.92 -0.81 -7.88
CA PHE A 165 9.92 -1.40 -7.01
C PHE A 165 9.26 -2.40 -6.08
N SER A 166 10.06 -3.32 -5.52
CA SER A 166 9.57 -4.18 -4.46
C SER A 166 10.27 -3.75 -3.18
N CYS A 167 9.47 -3.26 -2.24
CA CYS A 167 10.02 -2.73 -0.99
C CYS A 167 9.47 -3.51 0.18
N ALA A 168 10.29 -3.68 1.20
CA ALA A 168 9.87 -4.41 2.40
C ALA A 168 8.89 -3.59 3.24
N LEU A 169 7.84 -4.26 3.74
CA LEU A 169 6.87 -3.65 4.64
C LEU A 169 7.35 -3.81 6.09
N PRO A 170 7.16 -2.75 6.90
CA PRO A 170 7.50 -2.85 8.32
C PRO A 170 6.60 -3.86 9.01
N PRO A 171 7.14 -4.60 10.00
CA PRO A 171 6.27 -5.49 10.78
C PRO A 171 5.27 -4.65 11.60
N ALA A 172 4.14 -5.24 11.96
CA ALA A 172 3.10 -4.52 12.70
C ALA A 172 3.60 -4.07 14.06
N ASP A 173 4.52 -4.87 14.62
CA ASP A 173 5.16 -4.56 15.89
C ASP A 173 6.02 -3.30 15.84
N ASN A 174 6.38 -2.86 14.63
CA ASN A 174 7.21 -1.65 14.50
C ASN A 174 6.37 -0.39 14.29
N HIS A 175 5.14 -0.40 14.79
CA HIS A 175 4.34 0.82 14.79
C HIS A 175 4.69 1.61 16.03
N VAL A 176 4.91 2.91 15.87
CA VAL A 176 5.16 3.78 17.01
C VAL A 176 3.93 4.66 17.24
N PRO A 177 3.21 4.45 18.36
CA PRO A 177 1.99 5.23 18.63
C PRO A 177 2.28 6.66 19.07
N ALA A 178 2.89 7.42 18.15
CA ALA A 178 3.18 8.82 18.38
C ALA A 178 3.32 9.46 17.03
N ALA A 179 3.17 10.77 16.97
CA ALA A 179 3.33 11.49 15.71
C ALA A 179 4.80 11.82 15.53
N ILE A 180 5.46 11.11 14.63
CA ILE A 180 6.87 11.36 14.38
C ILE A 180 7.02 12.38 13.26
N THR A 181 6.93 13.64 13.66
CA THR A 181 6.97 14.76 12.73
C THR A 181 8.43 15.17 12.51
N ALA A 182 9.21 14.25 11.95
CA ALA A 182 10.60 14.47 11.59
C ALA A 182 10.85 13.59 10.38
N GLY A 183 11.77 14.00 9.51
CA GLY A 183 12.12 13.20 8.34
C GLY A 183 11.25 13.47 7.12
N GLU A 184 11.25 12.53 6.18
CA GLU A 184 10.60 12.72 4.89
C GLU A 184 9.08 12.57 5.02
N ARG A 185 8.34 13.46 4.37
CA ARG A 185 6.88 13.34 4.37
C ARG A 185 6.39 13.00 2.96
N VAL A 186 5.08 12.94 2.77
CA VAL A 186 4.56 12.82 1.41
C VAL A 186 3.98 14.16 0.94
N THR B 11 -35.00 -9.26 -17.90
CA THR B 11 -35.75 -8.18 -17.26
C THR B 11 -34.88 -7.45 -16.23
N ASP B 12 -34.88 -6.13 -16.32
CA ASP B 12 -34.07 -5.32 -15.40
C ASP B 12 -34.64 -5.32 -13.98
N ASP B 13 -35.89 -5.76 -13.82
CA ASP B 13 -36.49 -5.85 -12.49
C ASP B 13 -35.88 -6.98 -11.67
N ALA B 14 -35.68 -8.13 -12.32
CA ALA B 14 -35.04 -9.29 -11.71
C ALA B 14 -33.55 -9.04 -11.47
N TRP B 15 -32.90 -8.49 -12.49
CA TRP B 15 -31.48 -8.14 -12.41
C TRP B 15 -31.24 -7.18 -11.25
N ARG B 16 -32.11 -6.18 -11.14
CA ARG B 16 -32.00 -5.18 -10.07
C ARG B 16 -32.16 -5.84 -8.71
N ALA B 17 -33.10 -6.78 -8.61
CA ALA B 17 -33.36 -7.44 -7.33
C ALA B 17 -32.21 -8.35 -6.90
N ARG B 18 -31.65 -9.09 -7.86
CA ARG B 18 -30.48 -9.91 -7.60
C ARG B 18 -29.33 -9.07 -7.02
N ILE B 19 -29.02 -7.95 -7.66
CA ILE B 19 -27.94 -7.10 -7.15
C ILE B 19 -28.28 -6.60 -5.76
N ALA B 20 -29.53 -6.16 -5.58
CA ALA B 20 -29.96 -5.65 -4.29
C ALA B 20 -29.80 -6.70 -3.18
N ALA B 21 -30.16 -7.95 -3.49
CA ALA B 21 -30.03 -9.03 -2.51
C ALA B 21 -28.57 -9.36 -2.19
N HIS B 22 -27.70 -9.30 -3.18
CA HIS B 22 -26.30 -9.56 -2.95
C HIS B 22 -25.72 -8.51 -2.00
N ARG B 23 -26.09 -7.25 -2.23
CA ARG B 23 -25.64 -6.15 -1.39
C ARG B 23 -26.15 -6.31 0.03
N ALA B 24 -27.43 -6.67 0.17
CA ALA B 24 -28.02 -6.89 1.50
C ALA B 24 -27.36 -8.05 2.26
N ASP B 25 -27.15 -9.17 1.58
CA ASP B 25 -26.50 -10.32 2.20
C ASP B 25 -25.07 -10.02 2.60
N LYS B 26 -24.34 -9.29 1.75
CA LYS B 26 -22.96 -8.94 2.06
C LYS B 26 -22.86 -8.01 3.27
N ASP B 27 -23.79 -7.06 3.38
CA ASP B 27 -23.83 -6.16 4.55
C ASP B 27 -24.04 -6.96 5.84
N GLU B 28 -24.88 -7.98 5.77
CA GLU B 28 -25.17 -8.78 6.96
C GLU B 28 -23.95 -9.57 7.41
N PHE B 29 -23.32 -10.23 6.45
CA PHE B 29 -22.07 -10.95 6.70
C PHE B 29 -20.99 -10.04 7.29
N LEU B 30 -20.82 -8.85 6.73
CA LEU B 30 -19.78 -7.93 7.23
C LEU B 30 -20.08 -7.46 8.64
N ALA B 31 -21.35 -7.24 8.90
CA ALA B 31 -21.78 -6.68 10.17
C ALA B 31 -21.76 -7.68 11.32
N THR B 32 -21.97 -8.96 11.02
CA THR B 32 -22.28 -9.91 12.10
C THR B 32 -21.42 -11.17 12.15
N HIS B 33 -20.69 -11.48 11.08
CA HIS B 33 -19.94 -12.74 11.03
C HIS B 33 -18.52 -12.61 11.58
N ASP B 34 -18.08 -13.63 12.29
CA ASP B 34 -16.73 -13.68 12.85
C ASP B 34 -15.64 -13.54 11.79
N GLN B 35 -15.92 -14.03 10.59
CA GLN B 35 -14.93 -13.98 9.51
CA GLN B 35 -14.95 -13.99 9.50
C GLN B 35 -15.07 -12.73 8.65
N SER B 36 -15.82 -11.75 9.12
CA SER B 36 -15.95 -10.49 8.36
C SER B 36 -14.59 -9.79 8.17
N PRO B 37 -14.32 -9.28 6.96
CA PRO B 37 -13.10 -8.47 6.78
C PRO B 37 -13.20 -7.08 7.44
N ILE B 38 -14.32 -6.75 8.07
CA ILE B 38 -14.35 -5.55 8.89
C ILE B 38 -13.56 -5.86 10.16
N PRO B 39 -12.52 -5.06 10.47
CA PRO B 39 -11.71 -5.31 11.67
C PRO B 39 -12.58 -5.37 12.91
N PRO B 40 -12.29 -6.31 13.83
CA PRO B 40 -13.13 -6.53 15.01
C PRO B 40 -13.48 -5.24 15.76
N ALA B 41 -12.54 -4.32 15.86
CA ALA B 41 -12.74 -3.09 16.62
C ALA B 41 -13.67 -2.08 15.92
N ASP B 42 -13.93 -2.31 14.63
CA ASP B 42 -14.81 -1.42 13.86
C ASP B 42 -16.19 -2.02 13.63
N ARG B 43 -16.37 -3.29 14.01
CA ARG B 43 -17.60 -3.98 13.70
C ARG B 43 -18.82 -3.41 14.41
N GLY B 44 -18.64 -2.94 15.64
CA GLY B 44 -19.74 -2.41 16.42
C GLY B 44 -20.40 -1.21 15.74
N ALA B 45 -19.58 -0.33 15.20
CA ALA B 45 -20.08 0.89 14.57
C ALA B 45 -20.42 0.74 13.10
N PHE B 46 -20.06 -0.41 12.51
CA PHE B 46 -20.29 -0.66 11.08
C PHE B 46 -21.76 -0.46 10.71
N ASP B 47 -21.99 0.31 9.66
CA ASP B 47 -23.34 0.71 9.29
C ASP B 47 -23.67 0.35 7.83
N GLY B 48 -22.96 -0.64 7.29
CA GLY B 48 -23.19 -1.09 5.93
C GLY B 48 -22.19 -0.50 4.97
N LEU B 49 -22.10 -1.07 3.77
CA LEU B 49 -21.22 -0.54 2.73
C LEU B 49 -21.95 0.60 2.03
N ARG B 50 -21.23 1.38 1.23
CA ARG B 50 -21.88 2.47 0.49
C ARG B 50 -21.78 2.20 -1.00
N TYR B 51 -22.84 2.49 -1.75
CA TYR B 51 -22.86 2.18 -3.18
C TYR B 51 -23.42 3.33 -4.01
N PHE B 52 -23.05 3.39 -5.28
CA PHE B 52 -23.85 4.12 -6.26
C PHE B 52 -25.12 3.32 -6.53
N ASP B 53 -26.18 4.00 -6.94
CA ASP B 53 -27.42 3.32 -7.30
C ASP B 53 -27.19 2.42 -8.53
N ILE B 54 -28.01 1.39 -8.65
CA ILE B 54 -27.92 0.49 -9.80
C ILE B 54 -28.25 1.22 -11.11
N ASP B 55 -27.32 1.17 -12.06
CA ASP B 55 -27.42 1.94 -13.30
C ASP B 55 -27.16 0.99 -14.46
N ALA B 56 -28.19 0.73 -15.26
CA ALA B 56 -28.10 -0.23 -16.37
C ALA B 56 -27.07 0.17 -17.44
N SER B 57 -26.78 1.45 -17.54
CA SER B 57 -25.81 1.93 -18.53
C SER B 57 -24.37 1.48 -18.24
N PHE B 58 -24.14 1.00 -17.03
CA PHE B 58 -22.82 0.51 -16.65
C PHE B 58 -22.75 -1.03 -16.70
N ARG B 59 -23.78 -1.64 -17.26
CA ARG B 59 -23.77 -3.07 -17.53
C ARG B 59 -23.55 -3.23 -19.03
N VAL B 60 -22.36 -3.63 -19.43
CA VAL B 60 -22.01 -3.60 -20.84
C VAL B 60 -21.52 -4.93 -21.39
N ALA B 61 -21.54 -5.05 -22.71
CA ALA B 61 -21.01 -6.22 -23.36
C ALA B 61 -19.52 -5.96 -23.63
N ALA B 62 -18.71 -6.96 -23.33
CA ALA B 62 -17.28 -6.87 -23.54
C ALA B 62 -16.85 -8.03 -24.43
N ARG B 63 -16.03 -7.73 -25.44
CA ARG B 63 -15.45 -8.80 -26.24
C ARG B 63 -14.31 -9.43 -25.44
N TYR B 64 -14.23 -10.74 -25.49
CA TYR B 64 -13.26 -11.48 -24.72
C TYR B 64 -12.11 -11.87 -25.66
N GLN B 65 -10.90 -11.44 -25.34
CA GLN B 65 -9.72 -11.66 -26.19
C GLN B 65 -8.69 -12.43 -25.36
N PRO B 66 -8.69 -13.76 -25.44
CA PRO B 66 -7.81 -14.52 -24.56
C PRO B 66 -6.32 -14.30 -24.84
N ALA B 67 -5.52 -14.33 -23.78
CA ALA B 67 -4.08 -14.20 -23.89
C ALA B 67 -3.60 -15.41 -24.68
N ARG B 68 -2.75 -15.17 -25.68
CA ARG B 68 -2.28 -16.22 -26.56
C ARG B 68 -1.36 -17.20 -25.81
N ASP B 69 -0.57 -16.66 -24.90
CA ASP B 69 0.37 -17.45 -24.11
C ASP B 69 0.37 -16.86 -22.71
N PRO B 70 -0.62 -17.26 -21.90
CA PRO B 70 -0.81 -16.69 -20.56
C PRO B 70 0.47 -16.82 -19.75
N GLU B 71 0.87 -15.75 -19.08
CA GLU B 71 2.10 -15.76 -18.32
C GLU B 71 1.83 -15.32 -16.90
N ALA B 72 2.64 -15.83 -15.98
CA ALA B 72 2.53 -15.42 -14.58
C ALA B 72 2.83 -13.94 -14.48
N VAL B 73 2.07 -13.25 -13.64
CA VAL B 73 2.28 -11.83 -13.40
C VAL B 73 2.34 -11.57 -11.89
N GLU B 74 3.35 -10.83 -11.46
CA GLU B 74 3.41 -10.41 -10.06
C GLU B 74 2.83 -9.02 -9.95
N LEU B 75 1.64 -8.91 -9.39
CA LEU B 75 1.02 -7.60 -9.21
C LEU B 75 1.60 -6.90 -7.99
N GLU B 76 1.52 -5.57 -7.98
CA GLU B 76 1.87 -4.80 -6.80
C GLU B 76 0.82 -5.14 -5.73
N THR B 77 1.25 -5.23 -4.49
CA THR B 77 0.35 -5.58 -3.40
C THR B 77 0.58 -4.66 -2.20
N THR B 78 -0.30 -4.72 -1.22
CA THR B 78 -0.15 -3.93 0.00
C THR B 78 0.71 -4.64 1.05
N ARG B 79 0.73 -5.96 1.02
CA ARG B 79 1.48 -6.72 2.02
C ARG B 79 1.82 -8.14 1.59
N GLY B 80 2.41 -8.31 0.42
CA GLY B 80 2.72 -9.64 -0.05
C GLY B 80 1.58 -10.17 -0.92
N PRO B 81 1.88 -11.18 -1.73
CA PRO B 81 0.93 -11.72 -2.73
C PRO B 81 -0.24 -12.44 -2.05
N PRO B 82 -1.47 -11.94 -2.28
CA PRO B 82 -2.68 -12.59 -1.77
C PRO B 82 -2.89 -13.93 -2.49
N ALA B 83 -2.36 -14.03 -3.71
CA ALA B 83 -2.53 -15.22 -4.53
C ALA B 83 -1.52 -15.20 -5.67
N GLU B 84 -1.56 -16.21 -6.54
CA GLU B 84 -0.74 -16.22 -7.76
C GLU B 84 -1.61 -15.86 -8.97
N TYR B 85 -1.12 -14.95 -9.82
CA TYR B 85 -1.88 -14.44 -10.97
C TYR B 85 -1.28 -14.81 -12.32
N THR B 86 -2.15 -15.04 -13.29
CA THR B 86 -1.79 -15.28 -14.66
C THR B 86 -2.60 -14.35 -15.56
N ARG B 87 -1.94 -13.71 -16.52
CA ARG B 87 -2.64 -12.84 -17.46
C ARG B 87 -3.53 -13.70 -18.35
N ALA B 88 -4.83 -13.45 -18.33
CA ALA B 88 -5.77 -14.39 -18.94
C ALA B 88 -6.40 -13.85 -20.23
N ALA B 89 -6.62 -12.55 -20.29
CA ALA B 89 -7.42 -11.98 -21.39
C ALA B 89 -7.43 -10.49 -21.35
N VAL B 90 -7.83 -9.91 -22.48
CA VAL B 90 -8.18 -8.51 -22.58
C VAL B 90 -9.68 -8.45 -22.78
N LEU B 91 -10.32 -7.50 -22.10
CA LEU B 91 -11.75 -7.28 -22.25
C LEU B 91 -11.92 -5.94 -22.91
N GLY B 92 -12.58 -5.90 -24.06
CA GLY B 92 -12.81 -4.65 -24.76
C GLY B 92 -14.26 -4.25 -24.71
N PHE B 93 -14.51 -2.98 -24.41
CA PHE B 93 -15.88 -2.51 -24.21
C PHE B 93 -16.05 -1.01 -24.43
N ASP B 94 -17.30 -0.61 -24.65
CA ASP B 94 -17.61 0.80 -24.80
C ASP B 94 -18.32 1.30 -23.55
N LEU B 95 -17.96 2.50 -23.12
CA LEU B 95 -18.63 3.15 -22.00
C LEU B 95 -19.09 4.49 -22.48
N GLY B 96 -20.30 4.53 -23.03
CA GLY B 96 -20.79 5.70 -23.74
C GLY B 96 -20.59 5.48 -25.23
N ASP B 97 -19.78 6.23 -26.00
CA ASP B 97 -18.85 7.35 -25.71
C ASP B 97 -17.50 7.00 -26.37
N SER B 98 -16.79 6.06 -25.75
CA SER B 98 -15.47 5.68 -26.19
C SER B 98 -15.19 4.22 -25.89
N HIS B 99 -14.14 3.67 -26.51
CA HIS B 99 -13.80 2.25 -26.33
C HIS B 99 -12.66 2.12 -25.32
N HIS B 100 -12.71 1.08 -24.50
CA HIS B 100 -11.73 0.84 -23.44
C HIS B 100 -11.35 -0.63 -23.39
N THR B 101 -10.18 -0.91 -22.82
CA THR B 101 -9.74 -2.29 -22.60
C THR B 101 -9.23 -2.47 -21.17
N LEU B 102 -9.47 -3.64 -20.60
CA LEU B 102 -8.90 -3.98 -19.31
C LEU B 102 -8.30 -5.37 -19.37
N THR B 103 -7.23 -5.58 -18.63
CA THR B 103 -6.63 -6.90 -18.53
C THR B 103 -7.31 -7.68 -17.42
N ALA B 104 -7.62 -8.94 -17.71
CA ALA B 104 -8.24 -9.83 -16.74
C ALA B 104 -7.21 -10.91 -16.37
N PHE B 105 -7.23 -11.31 -15.11
CA PHE B 105 -6.26 -12.25 -14.56
C PHE B 105 -6.95 -13.52 -14.08
N ARG B 106 -6.28 -14.64 -14.30
CA ARG B 106 -6.73 -15.90 -13.72
C ARG B 106 -6.05 -16.00 -12.38
N VAL B 107 -6.79 -16.42 -11.37
CA VAL B 107 -6.24 -16.56 -10.02
C VAL B 107 -6.25 -18.03 -9.67
N GLU B 108 -5.14 -18.50 -9.11
CA GLU B 108 -4.99 -19.92 -8.82
C GLU B 108 -6.13 -20.39 -7.92
N GLY B 109 -6.81 -21.46 -8.33
CA GLY B 109 -7.89 -22.03 -7.53
C GLY B 109 -9.26 -21.40 -7.73
N GLU B 110 -9.34 -20.34 -8.54
CA GLU B 110 -10.60 -19.63 -8.70
C GLU B 110 -11.10 -19.65 -10.15
N SER B 111 -12.40 -19.84 -10.33
CA SER B 111 -12.94 -19.96 -11.69
C SER B 111 -13.18 -18.61 -12.38
N SER B 112 -13.71 -17.63 -11.65
CA SER B 112 -13.96 -16.31 -12.23
CA SER B 112 -13.97 -16.31 -12.22
C SER B 112 -12.65 -15.57 -12.46
N LEU B 113 -12.62 -14.74 -13.49
CA LEU B 113 -11.45 -13.88 -13.72
C LEU B 113 -11.51 -12.65 -12.82
N PHE B 114 -10.33 -12.15 -12.47
CA PHE B 114 -10.12 -11.03 -11.56
C PHE B 114 -9.75 -9.79 -12.38
N VAL B 115 -10.53 -8.72 -12.25
CA VAL B 115 -10.27 -7.52 -13.05
C VAL B 115 -10.17 -6.32 -12.10
N PRO B 116 -8.95 -6.04 -11.63
CA PRO B 116 -8.72 -4.86 -10.79
C PRO B 116 -8.62 -3.63 -11.69
N PHE B 117 -9.22 -2.52 -11.28
CA PHE B 117 -9.21 -1.35 -12.15
C PHE B 117 -9.30 -0.06 -11.36
N THR B 118 -8.97 1.04 -12.02
CA THR B 118 -9.22 2.37 -11.47
C THR B 118 -10.01 3.15 -12.53
N ASP B 119 -10.67 4.21 -12.10
CA ASP B 119 -11.37 5.07 -13.05
C ASP B 119 -11.37 6.50 -12.51
N GLU B 120 -12.16 7.37 -13.12
CA GLU B 120 -12.09 8.77 -12.74
C GLU B 120 -12.62 9.02 -11.33
N THR B 121 -13.49 8.13 -10.81
CA THR B 121 -13.94 8.25 -9.42
C THR B 121 -12.82 7.94 -8.43
N THR B 122 -11.83 7.15 -8.87
CA THR B 122 -10.66 6.90 -8.03
C THR B 122 -9.91 8.20 -7.84
N ASP B 123 -9.77 8.94 -8.93
CA ASP B 123 -9.03 10.20 -8.95
C ASP B 123 -9.68 11.30 -8.11
N ASP B 124 -11.02 11.35 -8.12
CA ASP B 124 -11.72 12.39 -7.39
C ASP B 124 -12.17 12.01 -5.97
N GLY B 125 -11.79 10.82 -5.52
CA GLY B 125 -11.99 10.42 -4.14
C GLY B 125 -13.36 9.84 -3.82
N ARG B 126 -14.18 9.63 -4.85
CA ARG B 126 -15.50 9.06 -4.61
C ARG B 126 -15.46 7.55 -4.40
N THR B 127 -14.45 6.89 -4.99
CA THR B 127 -14.26 5.46 -4.76
C THR B 127 -12.86 5.22 -4.20
N TYR B 128 -12.60 3.97 -3.80
CA TYR B 128 -11.39 3.63 -3.06
C TYR B 128 -10.13 4.06 -3.76
N GLU B 129 -9.22 4.70 -3.02
CA GLU B 129 -8.06 5.35 -3.63
C GLU B 129 -7.13 4.39 -4.39
N HIS B 130 -7.14 3.11 -4.03
CA HIS B 130 -6.29 2.15 -4.75
C HIS B 130 -6.98 1.36 -5.85
N GLY B 131 -8.24 1.68 -6.13
CA GLY B 131 -8.95 1.02 -7.20
C GLY B 131 -9.99 0.05 -6.67
N ARG B 132 -10.71 -0.60 -7.59
CA ARG B 132 -11.78 -1.52 -7.23
C ARG B 132 -11.60 -2.81 -8.02
N TYR B 133 -12.42 -3.79 -7.70
CA TYR B 133 -12.30 -5.12 -8.28
C TYR B 133 -13.60 -5.46 -8.99
N LEU B 134 -13.49 -6.21 -10.07
CA LEU B 134 -14.66 -6.77 -10.71
C LEU B 134 -14.36 -8.23 -11.01
N ASP B 135 -15.32 -9.12 -10.76
CA ASP B 135 -15.15 -10.53 -11.12
C ASP B 135 -15.87 -10.80 -12.44
N VAL B 136 -15.21 -11.48 -13.36
CA VAL B 136 -15.83 -11.75 -14.66
C VAL B 136 -15.82 -13.25 -14.97
N ASP B 137 -16.99 -13.80 -15.24
CA ASP B 137 -17.09 -15.23 -15.53
C ASP B 137 -16.90 -15.45 -17.03
N PRO B 138 -15.89 -16.25 -17.39
CA PRO B 138 -15.66 -16.47 -18.82
C PRO B 138 -16.68 -17.46 -19.38
N ALA B 139 -16.94 -17.41 -20.68
CA ALA B 139 -17.85 -18.36 -21.32
C ALA B 139 -17.68 -18.34 -22.84
N GLU B 146 -18.14 -12.86 -26.17
CA GLU B 146 -18.62 -11.76 -25.32
C GLU B 146 -18.91 -12.22 -23.90
N VAL B 147 -18.57 -11.36 -22.94
CA VAL B 147 -18.88 -11.62 -21.54
C VAL B 147 -19.56 -10.40 -20.93
N ALA B 148 -20.25 -10.62 -19.81
CA ALA B 148 -20.96 -9.56 -19.11
C ALA B 148 -20.01 -8.78 -18.23
N LEU B 149 -19.89 -7.48 -18.49
CA LEU B 149 -19.08 -6.61 -17.64
C LEU B 149 -20.01 -5.67 -16.92
N ASP B 150 -20.38 -6.02 -15.70
CA ASP B 150 -21.33 -5.20 -14.95
C ASP B 150 -20.64 -4.43 -13.83
N PHE B 151 -20.34 -3.16 -14.08
CA PHE B 151 -19.70 -2.33 -13.08
C PHE B 151 -20.57 -2.09 -11.84
N ASN B 152 -21.86 -2.41 -11.94
CA ASN B 152 -22.71 -2.36 -10.75
C ASN B 152 -22.24 -3.34 -9.70
N LEU B 153 -21.46 -4.32 -10.12
CA LEU B 153 -20.91 -5.31 -9.21
C LEU B 153 -19.46 -5.06 -8.80
N ALA B 154 -18.91 -3.90 -9.14
CA ALA B 154 -17.57 -3.55 -8.70
C ALA B 154 -17.55 -3.46 -7.18
N TYR B 155 -16.48 -3.95 -6.57
CA TYR B 155 -16.44 -4.02 -5.10
C TYR B 155 -15.06 -3.60 -4.59
N ASN B 156 -14.97 -3.29 -3.30
CA ASN B 156 -13.71 -2.85 -2.73
C ASN B 156 -12.79 -3.99 -2.30
N PRO B 157 -11.47 -3.79 -2.44
CA PRO B 157 -10.51 -4.68 -1.79
C PRO B 157 -10.67 -4.61 -0.27
N PHE B 158 -10.26 -5.66 0.44
CA PHE B 158 -10.35 -5.70 1.89
C PHE B 158 -9.64 -4.54 2.58
N CYS B 159 -8.56 -4.05 1.98
CA CYS B 159 -7.79 -2.96 2.58
CA CYS B 159 -7.77 -2.95 2.53
C CYS B 159 -8.56 -1.64 2.66
N ALA B 160 -9.66 -1.54 1.93
CA ALA B 160 -10.51 -0.36 2.05
C ALA B 160 -11.15 -0.32 3.43
N TYR B 161 -11.15 -1.44 4.14
CA TYR B 161 -11.84 -1.52 5.41
C TYR B 161 -10.88 -1.53 6.60
N GLY B 162 -9.61 -1.80 6.35
CA GLY B 162 -8.69 -2.05 7.44
C GLY B 162 -7.42 -2.67 6.91
N GLY B 163 -6.49 -3.02 7.80
CA GLY B 163 -5.15 -3.39 7.35
C GLY B 163 -4.71 -4.83 7.60
N SER B 164 -5.64 -5.72 7.88
CA SER B 164 -5.25 -7.08 8.24
C SER B 164 -4.96 -7.98 7.02
N PHE B 165 -5.51 -7.60 5.87
CA PHE B 165 -5.36 -8.41 4.65
C PHE B 165 -4.41 -7.74 3.68
N SER B 166 -3.75 -8.55 2.86
CA SER B 166 -3.00 -8.01 1.74
C SER B 166 -3.92 -7.99 0.52
N CYS B 167 -3.73 -6.98 -0.33
CA CYS B 167 -4.56 -6.83 -1.52
C CYS B 167 -3.75 -6.48 -2.75
N ALA B 168 -4.17 -7.01 -3.89
CA ALA B 168 -3.50 -6.74 -5.15
C ALA B 168 -3.98 -5.40 -5.72
N LEU B 169 -3.07 -4.61 -6.27
CA LEU B 169 -3.44 -3.32 -6.85
C LEU B 169 -3.54 -3.43 -8.36
N PRO B 170 -4.43 -2.61 -8.98
CA PRO B 170 -4.57 -2.67 -10.45
C PRO B 170 -3.28 -2.23 -11.12
N PRO B 171 -2.93 -2.88 -12.23
CA PRO B 171 -1.83 -2.34 -13.03
C PRO B 171 -2.22 -0.95 -13.56
N ALA B 172 -1.24 -0.08 -13.79
CA ALA B 172 -1.52 1.26 -14.29
C ALA B 172 -2.33 1.26 -15.57
N ASP B 173 -2.16 0.20 -16.37
CA ASP B 173 -2.83 0.07 -17.66
C ASP B 173 -4.31 -0.30 -17.51
N ASN B 174 -4.73 -0.64 -16.31
CA ASN B 174 -6.13 -0.94 -16.06
C ASN B 174 -6.88 0.27 -15.50
N HIS B 175 -6.57 1.44 -16.01
CA HIS B 175 -7.32 2.65 -15.68
C HIS B 175 -8.39 2.87 -16.75
N VAL B 176 -9.61 3.21 -16.34
CA VAL B 176 -10.62 3.57 -17.33
C VAL B 176 -10.87 5.07 -17.21
N PRO B 177 -10.59 5.82 -18.29
CA PRO B 177 -10.76 7.28 -18.26
C PRO B 177 -12.22 7.68 -18.37
N ALA B 178 -13.03 7.33 -17.37
CA ALA B 178 -14.44 7.67 -17.35
C ALA B 178 -14.89 7.60 -15.89
N ALA B 179 -15.93 8.33 -15.51
CA ALA B 179 -16.44 8.21 -14.15
C ALA B 179 -17.38 7.02 -14.04
N ILE B 180 -16.89 5.94 -13.45
CA ILE B 180 -17.72 4.75 -13.30
C ILE B 180 -18.55 4.87 -12.02
N THR B 181 -19.68 5.57 -12.15
CA THR B 181 -20.57 5.81 -11.01
C THR B 181 -21.56 4.66 -10.84
N ALA B 182 -21.01 3.49 -10.53
CA ALA B 182 -21.75 2.28 -10.34
C ALA B 182 -20.91 1.43 -9.39
N GLY B 183 -21.57 0.60 -8.58
CA GLY B 183 -20.85 -0.31 -7.69
C GLY B 183 -20.46 0.36 -6.39
N GLU B 184 -19.52 -0.22 -5.67
CA GLU B 184 -19.23 0.22 -4.31
C GLU B 184 -18.44 1.52 -4.29
N ARG B 185 -18.78 2.43 -3.38
CA ARG B 185 -18.02 3.66 -3.22
C ARG B 185 -17.45 3.73 -1.80
N VAL B 186 -16.80 4.83 -1.45
CA VAL B 186 -16.32 5.02 -0.07
C VAL B 186 -16.76 6.38 0.46
N ASP B 187 -16.74 6.53 1.78
CA ASP B 187 -16.92 7.84 2.40
C ASP B 187 -15.54 8.39 2.78
N ALA B 188 -15.02 9.29 1.96
CA ALA B 188 -13.68 9.84 2.18
C ALA B 188 -13.56 10.53 3.55
N ASP B 189 -14.63 11.18 3.98
CA ASP B 189 -14.66 11.93 5.23
C ASP B 189 -14.49 11.03 6.46
N LEU B 190 -14.74 9.74 6.29
CA LEU B 190 -14.70 8.80 7.40
C LEU B 190 -13.32 8.18 7.56
#